data_7IAV
#
_entry.id   7IAV
#
_cell.length_a   60.490
_cell.length_b   60.490
_cell.length_c   214.760
_cell.angle_alpha   90.00
_cell.angle_beta   90.00
_cell.angle_gamma   90.00
#
_symmetry.space_group_name_H-M   'P 43 21 2'
#
loop_
_entity.id
_entity.type
_entity.pdbx_description
1 polymer 'NS2B co-factor'
2 polymer 'NS3 protease'
3 non-polymer N,5-dimethyl-1,3,4-thiadiazol-2-amine
4 water water
#
loop_
_entity_poly.entity_id
_entity_poly.type
_entity_poly.pdbx_seq_one_letter_code
_entity_poly.pdbx_strand_id
1 'polypeptide(L)' MTGKSVDMYIERAGDITWEKDAEVTGNSPRLDVALDESGDFSLVEEDGPPMRE A,C
2 'polypeptide(L)'
;GALWDVPAPKEVKKGETTDGVYRVMTRRLLGSTQVGVGVMQEGVFHTMWHVTKGAALRSGEGRLDPYWGDVKQDLVSYCG
PWKLDAAWDGLSEVQLLAVPPGERAKNIQTLPGIFKTKDGDIGAVALDYPAGTSGSPILDKSGRVIGLYGNGVVIKNGSY
VSAITQGKREEETPVE
;
B,D
#
loop_
_chem_comp.id
_chem_comp.type
_chem_comp.name
_chem_comp.formula
A1CDY non-polymer N,5-dimethyl-1,3,4-thiadiazol-2-amine 'C4 H7 N3 S'
#
# COMPACT_ATOMS: atom_id res chain seq x y z
N VAL A 6 -18.57 14.20 -7.91
CA VAL A 6 -17.66 13.14 -7.53
C VAL A 6 -18.39 11.89 -7.05
N ASP A 7 -18.24 10.81 -7.82
CA ASP A 7 -18.92 9.55 -7.55
C ASP A 7 -18.12 8.79 -6.51
N MET A 8 -18.70 8.60 -5.32
CA MET A 8 -18.13 7.78 -4.26
C MET A 8 -19.02 6.55 -4.12
N TYR A 9 -18.42 5.35 -4.09
CA TYR A 9 -19.18 4.11 -4.18
C TYR A 9 -18.47 3.00 -3.41
N ILE A 10 -19.21 1.93 -3.10
CA ILE A 10 -18.67 0.85 -2.27
C ILE A 10 -18.71 -0.47 -3.02
N GLU A 11 -17.72 -1.31 -2.71
CA GLU A 11 -17.56 -2.64 -3.29
C GLU A 11 -17.26 -3.64 -2.18
N ARG A 12 -17.99 -4.76 -2.16
CA ARG A 12 -17.75 -5.75 -1.11
C ARG A 12 -16.38 -6.40 -1.30
N ALA A 13 -15.66 -6.56 -0.18
CA ALA A 13 -14.33 -7.14 -0.22
C ALA A 13 -14.18 -8.39 0.63
N GLY A 14 -15.13 -8.70 1.49
CA GLY A 14 -15.02 -9.94 2.23
C GLY A 14 -15.99 -10.01 3.38
N ASP A 15 -15.99 -11.18 4.03
CA ASP A 15 -16.68 -11.41 5.29
C ASP A 15 -15.86 -10.84 6.44
N ILE A 16 -16.53 -10.54 7.54
CA ILE A 16 -15.85 -10.18 8.78
C ILE A 16 -15.67 -11.44 9.61
N THR A 17 -14.46 -11.97 9.59
N THR A 17 -14.46 -11.98 9.58
CA THR A 17 -14.14 -13.24 10.24
CA THR A 17 -14.14 -13.21 10.27
C THR A 17 -12.72 -13.17 10.77
C THR A 17 -12.72 -13.13 10.81
N TRP A 18 -12.52 -13.80 11.93
CA TRP A 18 -11.19 -14.04 12.47
C TRP A 18 -10.56 -15.17 11.68
N GLU A 19 -9.25 -15.07 11.41
CA GLU A 19 -8.51 -16.10 10.67
C GLU A 19 -7.45 -16.70 11.58
N LYS A 20 -7.51 -18.02 11.79
CA LYS A 20 -6.55 -18.68 12.67
C LYS A 20 -5.12 -18.59 12.15
N ASP A 21 -4.96 -18.52 10.82
CA ASP A 21 -3.64 -18.56 10.19
C ASP A 21 -3.12 -17.16 9.86
N ALA A 22 -3.47 -16.15 10.66
CA ALA A 22 -3.08 -14.80 10.34
C ALA A 22 -1.62 -14.53 10.67
N GLU A 23 -0.98 -13.75 9.78
CA GLU A 23 0.28 -13.09 10.09
C GLU A 23 0.15 -12.29 11.39
N VAL A 24 1.22 -12.30 12.19
CA VAL A 24 1.24 -11.63 13.48
C VAL A 24 2.39 -10.64 13.52
N THR A 25 2.08 -9.38 13.83
CA THR A 25 3.15 -8.40 13.88
C THR A 25 2.69 -7.19 14.68
N GLY A 26 3.66 -6.33 14.98
CA GLY A 26 3.37 -5.07 15.61
C GLY A 26 3.67 -5.07 17.10
N ASN A 27 4.10 -3.93 17.61
N ASN A 27 4.05 -3.88 17.60
CA ASN A 27 4.36 -3.81 19.03
CA ASN A 27 4.33 -3.65 19.01
C ASN A 27 3.15 -3.13 19.71
C ASN A 27 3.05 -3.29 19.75
N SER A 28 3.26 -2.93 21.03
N SER A 28 3.18 -2.93 21.05
CA SER A 28 2.12 -2.55 21.86
CA SER A 28 2.05 -2.54 21.90
C SER A 28 2.50 -1.36 22.75
C SER A 28 2.46 -1.34 22.76
N PRO A 29 2.68 -0.18 22.14
CA PRO A 29 3.13 0.98 22.91
C PRO A 29 2.06 1.55 23.80
N ARG A 30 2.50 2.12 24.93
CA ARG A 30 1.65 2.82 25.88
C ARG A 30 2.00 4.30 25.78
N LEU A 31 1.04 5.10 25.37
CA LEU A 31 1.26 6.48 24.95
C LEU A 31 0.24 7.36 25.64
N ASP A 32 0.71 8.47 26.19
CA ASP A 32 -0.17 9.53 26.70
C ASP A 32 -0.59 10.41 25.53
N VAL A 33 -1.89 10.58 25.32
CA VAL A 33 -2.35 11.37 24.18
C VAL A 33 -3.52 12.26 24.60
N ALA A 34 -3.73 13.31 23.80
CA ALA A 34 -4.87 14.19 23.95
C ALA A 34 -5.68 14.19 22.65
N LEU A 35 -6.99 14.36 22.77
CA LEU A 35 -7.88 14.33 21.60
C LEU A 35 -8.57 15.69 21.54
N ASP A 36 -8.36 16.42 20.45
CA ASP A 36 -8.90 17.75 20.35
C ASP A 36 -10.23 17.73 19.60
N GLU A 37 -10.82 18.93 19.50
CA GLU A 37 -12.19 19.04 19.03
C GLU A 37 -12.32 18.58 17.58
N SER A 38 -11.24 18.66 16.82
CA SER A 38 -11.23 18.25 15.42
C SER A 38 -10.97 16.77 15.22
N GLY A 39 -11.00 15.97 16.28
CA GLY A 39 -10.74 14.56 16.18
C GLY A 39 -9.28 14.19 16.04
N ASP A 40 -8.36 15.11 16.27
CA ASP A 40 -6.94 14.86 16.11
C ASP A 40 -6.31 14.45 17.43
N PHE A 41 -5.62 13.32 17.43
CA PHE A 41 -4.84 12.87 18.54
C PHE A 41 -3.46 13.51 18.47
N SER A 42 -2.93 13.91 19.64
CA SER A 42 -1.58 14.43 19.75
C SER A 42 -0.94 13.83 20.99
N LEU A 43 0.38 13.70 20.95
CA LEU A 43 1.13 13.24 22.12
C LEU A 43 1.14 14.29 23.21
N VAL A 44 1.14 13.83 24.45
CA VAL A 44 1.25 14.69 25.62
C VAL A 44 2.40 14.20 26.48
N GLU A 45 3.09 15.14 27.12
CA GLU A 45 4.13 14.81 28.10
C GLU A 45 3.88 15.60 29.38
N THR B 17 -25.96 -4.41 0.49
CA THR B 17 -26.56 -4.40 1.82
C THR B 17 -26.07 -5.59 2.65
N THR B 18 -25.47 -6.58 1.98
CA THR B 18 -24.94 -7.76 2.65
C THR B 18 -23.89 -7.37 3.68
N ASP B 19 -23.94 -8.06 4.83
CA ASP B 19 -22.92 -7.86 5.85
C ASP B 19 -21.55 -8.09 5.23
N GLY B 20 -20.58 -7.31 5.67
CA GLY B 20 -19.20 -7.58 5.29
C GLY B 20 -18.37 -6.32 5.34
N VAL B 21 -17.13 -6.47 4.89
CA VAL B 21 -16.22 -5.35 4.78
C VAL B 21 -16.19 -4.91 3.32
N TYR B 22 -16.15 -3.60 3.11
CA TYR B 22 -16.29 -2.98 1.79
C TYR B 22 -15.18 -1.98 1.54
N ARG B 23 -14.71 -1.89 0.28
CA ARG B 23 -13.89 -0.75 -0.15
C ARG B 23 -14.76 0.48 -0.40
N VAL B 24 -14.22 1.64 -0.07
CA VAL B 24 -14.84 2.94 -0.40
C VAL B 24 -14.00 3.54 -1.51
N MET B 25 -14.62 3.71 -2.68
CA MET B 25 -13.96 4.09 -3.94
C MET B 25 -14.48 5.45 -4.36
N THR B 26 -13.67 6.17 -5.13
CA THR B 26 -14.07 7.43 -5.72
C THR B 26 -13.61 7.50 -7.17
N ARG B 27 -14.39 8.22 -7.97
CA ARG B 27 -13.99 8.64 -9.31
C ARG B 27 -14.02 10.14 -9.45
N GLY B 31 -10.27 7.90 -13.76
CA GLY B 31 -9.89 6.71 -13.03
C GLY B 31 -10.47 6.56 -11.62
N SER B 32 -10.23 5.40 -11.01
CA SER B 32 -10.76 5.12 -9.68
C SER B 32 -9.64 4.92 -8.67
N THR B 33 -9.92 5.32 -7.44
CA THR B 33 -8.99 5.30 -6.32
C THR B 33 -9.75 4.80 -5.10
N GLN B 34 -9.10 4.02 -4.27
CA GLN B 34 -9.70 3.62 -3.00
C GLN B 34 -9.35 4.66 -1.94
N VAL B 35 -10.37 5.29 -1.37
CA VAL B 35 -10.15 6.25 -0.30
C VAL B 35 -10.32 5.68 1.10
N GLY B 36 -10.92 4.50 1.24
CA GLY B 36 -11.12 3.92 2.56
C GLY B 36 -11.86 2.61 2.48
N VAL B 37 -12.35 2.21 3.65
CA VAL B 37 -12.96 0.91 3.92
C VAL B 37 -14.09 1.16 4.90
N GLY B 38 -15.07 0.25 4.90
CA GLY B 38 -16.04 0.28 5.97
C GLY B 38 -16.72 -1.05 6.18
N VAL B 39 -17.64 -1.07 7.15
CA VAL B 39 -18.30 -2.27 7.64
C VAL B 39 -19.81 -2.15 7.46
N MET B 40 -20.40 -3.13 6.76
CA MET B 40 -21.85 -3.29 6.70
C MET B 40 -22.26 -4.28 7.76
N GLN B 41 -23.15 -3.86 8.65
CA GLN B 41 -23.70 -4.76 9.66
C GLN B 41 -25.11 -4.28 10.00
N GLU B 42 -26.04 -5.22 10.06
CA GLU B 42 -27.43 -4.93 10.40
C GLU B 42 -27.99 -3.81 9.52
N GLY B 43 -27.61 -3.81 8.25
CA GLY B 43 -28.17 -2.88 7.30
C GLY B 43 -27.63 -1.48 7.38
N VAL B 44 -26.55 -1.27 8.14
CA VAL B 44 -25.95 0.03 8.35
C VAL B 44 -24.51 -0.04 7.91
N PHE B 45 -24.05 0.99 7.18
CA PHE B 45 -22.66 1.08 6.76
C PHE B 45 -21.90 2.01 7.70
N HIS B 46 -20.77 1.53 8.20
CA HIS B 46 -19.95 2.20 9.19
C HIS B 46 -18.58 2.50 8.60
N THR B 47 -18.15 3.76 8.67
CA THR B 47 -16.79 4.10 8.25
C THR B 47 -16.31 5.30 9.05
N MET B 48 -15.11 5.79 8.72
CA MET B 48 -14.57 6.94 9.42
C MET B 48 -14.95 8.24 8.71
N TRP B 49 -15.27 9.26 9.51
CA TRP B 49 -15.75 10.50 8.91
C TRP B 49 -14.76 11.04 7.89
N HIS B 50 -13.45 10.97 8.19
CA HIS B 50 -12.46 11.57 7.29
C HIS B 50 -12.38 10.85 5.96
N VAL B 51 -12.95 9.64 5.85
CA VAL B 51 -12.95 8.91 4.60
C VAL B 51 -13.95 9.51 3.63
N THR B 52 -15.18 9.77 4.08
CA THR B 52 -16.24 10.24 3.19
C THR B 52 -16.63 11.69 3.39
N LYS B 53 -16.26 12.29 4.52
CA LYS B 53 -16.72 13.63 4.89
C LYS B 53 -18.23 13.73 4.81
N GLY B 54 -18.92 12.61 5.03
CA GLY B 54 -20.38 12.57 5.04
C GLY B 54 -21.03 12.54 3.69
N ALA B 55 -20.27 12.37 2.62
CA ALA B 55 -20.86 12.30 1.29
C ALA B 55 -21.74 11.06 1.15
N ALA B 56 -22.81 11.19 0.34
CA ALA B 56 -23.60 10.03 0.00
C ALA B 56 -22.75 9.02 -0.77
N LEU B 57 -23.09 7.74 -0.62
CA LEU B 57 -22.37 6.64 -1.21
C LEU B 57 -23.27 5.88 -2.17
N ARG B 58 -22.72 5.47 -3.30
CA ARG B 58 -23.43 4.60 -4.21
C ARG B 58 -23.11 3.15 -3.87
N SER B 59 -24.12 2.28 -3.97
CA SER B 59 -23.96 0.84 -3.76
C SER B 59 -24.76 0.19 -4.88
N GLY B 60 -24.08 -0.12 -5.97
CA GLY B 60 -24.77 -0.68 -7.10
C GLY B 60 -25.66 0.38 -7.70
N GLU B 61 -26.95 0.10 -7.82
CA GLU B 61 -27.92 1.08 -8.30
C GLU B 61 -28.57 1.86 -7.17
N GLY B 62 -28.22 1.55 -5.92
CA GLY B 62 -28.78 2.23 -4.78
C GLY B 62 -27.88 3.34 -4.25
N ARG B 63 -28.47 4.17 -3.40
CA ARG B 63 -27.79 5.27 -2.75
C ARG B 63 -27.89 5.10 -1.24
N LEU B 64 -26.77 5.33 -0.55
CA LEU B 64 -26.68 5.27 0.90
C LEU B 64 -26.49 6.70 1.41
N ASP B 65 -27.41 7.15 2.30
CA ASP B 65 -27.28 8.50 2.82
C ASP B 65 -26.78 8.48 4.27
N PRO B 66 -26.01 9.51 4.66
CA PRO B 66 -25.50 9.59 6.03
C PRO B 66 -26.64 9.79 7.03
N TYR B 67 -26.50 9.12 8.16
CA TYR B 67 -27.51 9.08 9.20
C TYR B 67 -27.03 9.67 10.51
N TRP B 68 -25.80 9.39 10.89
CA TRP B 68 -25.18 9.93 12.09
C TRP B 68 -23.71 10.16 11.79
N GLY B 69 -23.14 11.23 12.31
CA GLY B 69 -21.71 11.41 12.19
C GLY B 69 -21.18 12.34 13.25
N ASP B 70 -19.87 12.25 13.48
CA ASP B 70 -19.23 13.03 14.53
C ASP B 70 -17.76 13.20 14.20
N VAL B 71 -17.34 14.43 13.98
CA VAL B 71 -15.94 14.72 13.61
C VAL B 71 -14.98 14.37 14.74
N LYS B 72 -15.36 14.62 15.99
CA LYS B 72 -14.38 14.34 17.06
C LYS B 72 -14.14 12.85 17.22
N GLN B 73 -15.17 12.03 17.11
CA GLN B 73 -14.96 10.58 17.11
C GLN B 73 -14.41 10.07 15.79
N ASP B 74 -14.53 10.88 14.73
CA ASP B 74 -14.11 10.54 13.36
C ASP B 74 -14.87 9.32 12.84
N LEU B 75 -16.18 9.31 13.07
CA LEU B 75 -17.03 8.22 12.66
C LEU B 75 -18.28 8.73 11.95
N VAL B 76 -18.84 7.85 11.10
CA VAL B 76 -20.10 8.12 10.39
C VAL B 76 -20.80 6.79 10.12
N SER B 77 -22.14 6.81 10.20
CA SER B 77 -22.97 5.67 9.81
C SER B 77 -23.97 6.12 8.75
N TYR B 78 -24.29 5.18 7.86
CA TYR B 78 -25.23 5.37 6.76
C TYR B 78 -26.40 4.42 6.94
N CYS B 79 -27.61 4.90 6.65
CA CYS B 79 -28.84 4.11 6.55
C CYS B 79 -29.47 3.89 7.92
N GLY B 80 -28.76 4.14 9.00
CA GLY B 80 -29.25 3.92 10.34
C GLY B 80 -28.20 4.26 11.36
N PRO B 81 -28.52 4.04 12.64
CA PRO B 81 -27.60 4.38 13.71
C PRO B 81 -26.46 3.39 13.82
N TRP B 82 -25.38 3.85 14.44
CA TRP B 82 -24.18 3.05 14.67
C TRP B 82 -24.53 1.78 15.43
N LYS B 83 -24.12 0.62 14.86
CA LYS B 83 -24.48 -0.69 15.38
C LYS B 83 -23.38 -1.41 16.13
N LEU B 84 -22.13 -1.01 15.97
CA LEU B 84 -20.98 -1.77 16.45
C LEU B 84 -20.70 -1.39 17.90
N ASP B 85 -20.68 -2.37 18.80
CA ASP B 85 -20.52 -2.02 20.20
C ASP B 85 -19.52 -2.86 20.97
N ALA B 86 -18.91 -3.87 20.38
CA ALA B 86 -17.92 -4.64 21.12
C ALA B 86 -16.69 -3.77 21.42
N ALA B 87 -15.95 -4.17 22.46
CA ALA B 87 -14.77 -3.42 22.89
C ALA B 87 -13.62 -4.36 23.21
N TRP B 88 -12.41 -3.87 22.95
CA TRP B 88 -11.21 -4.62 23.34
C TRP B 88 -11.25 -4.94 24.82
N ASP B 89 -10.86 -6.16 25.14
CA ASP B 89 -10.88 -6.64 26.52
C ASP B 89 -9.64 -6.21 27.31
N GLY B 90 -8.68 -5.52 26.66
CA GLY B 90 -7.51 -5.00 27.31
C GLY B 90 -6.38 -5.98 27.53
N LEU B 91 -6.54 -7.25 27.13
CA LEU B 91 -5.54 -8.29 27.39
C LEU B 91 -5.20 -9.14 26.17
N SER B 92 -6.18 -9.35 25.30
CA SER B 92 -6.10 -10.32 24.22
C SER B 92 -5.59 -9.69 22.92
N GLU B 93 -4.98 -10.52 22.10
CA GLU B 93 -4.65 -10.11 20.76
C GLU B 93 -5.94 -9.90 19.95
N VAL B 94 -5.83 -9.07 18.93
CA VAL B 94 -6.93 -8.70 18.06
C VAL B 94 -6.45 -8.91 16.62
N GLN B 95 -7.37 -8.78 15.66
CA GLN B 95 -6.97 -8.81 14.25
C GLN B 95 -7.47 -7.57 13.52
N LEU B 96 -6.56 -6.93 12.80
CA LEU B 96 -6.92 -5.92 11.83
C LEU B 96 -7.31 -6.64 10.53
N LEU B 97 -8.57 -6.48 10.11
CA LEU B 97 -9.00 -6.99 8.81
C LEU B 97 -8.76 -5.88 7.77
N ALA B 98 -7.51 -5.82 7.32
CA ALA B 98 -7.04 -4.78 6.43
C ALA B 98 -7.52 -5.04 5.03
N VAL B 99 -8.01 -4.02 4.35
CA VAL B 99 -8.38 -4.12 2.95
C VAL B 99 -7.59 -3.06 2.21
N PRO B 100 -6.32 -3.28 1.94
CA PRO B 100 -5.52 -2.27 1.29
C PRO B 100 -5.92 -2.10 -0.16
N PRO B 101 -5.66 -0.93 -0.74
CA PRO B 101 -5.91 -0.74 -2.17
C PRO B 101 -5.19 -1.80 -3.00
N GLY B 102 -5.92 -2.39 -3.94
CA GLY B 102 -5.36 -3.37 -4.86
C GLY B 102 -5.01 -4.72 -4.27
N GLU B 103 -5.41 -5.00 -3.05
CA GLU B 103 -5.06 -6.25 -2.37
C GLU B 103 -6.31 -6.88 -1.77
N ARG B 104 -6.31 -8.20 -1.74
CA ARG B 104 -7.43 -8.89 -1.12
C ARG B 104 -7.43 -8.63 0.39
N ALA B 105 -8.63 -8.69 0.97
CA ALA B 105 -8.78 -8.53 2.41
C ALA B 105 -7.91 -9.54 3.12
N LYS B 106 -7.18 -9.09 4.15
CA LYS B 106 -6.26 -9.95 4.87
C LYS B 106 -6.28 -9.61 6.35
N ASN B 107 -5.96 -10.61 7.17
CA ASN B 107 -6.05 -10.47 8.61
C ASN B 107 -4.64 -10.33 9.18
N ILE B 108 -4.43 -9.31 10.00
CA ILE B 108 -3.15 -9.06 10.67
C ILE B 108 -3.41 -9.09 12.17
N GLN B 109 -2.80 -10.04 12.87
CA GLN B 109 -3.01 -10.20 14.30
C GLN B 109 -1.96 -9.41 15.09
N THR B 110 -2.38 -8.81 16.21
CA THR B 110 -1.47 -7.98 16.99
C THR B 110 -2.01 -7.88 18.43
N LEU B 111 -1.11 -7.58 19.38
CA LEU B 111 -1.54 -7.16 20.71
C LEU B 111 -1.62 -5.63 20.75
N PRO B 112 -2.80 -5.03 20.98
CA PRO B 112 -2.87 -3.58 21.04
C PRO B 112 -2.00 -3.02 22.17
N GLY B 113 -1.46 -1.83 21.91
CA GLY B 113 -1.01 -0.96 22.98
C GLY B 113 -2.18 -0.13 23.48
N ILE B 114 -1.87 0.99 24.14
CA ILE B 114 -2.90 1.79 24.80
C ILE B 114 -2.62 3.26 24.54
N PHE B 115 -3.68 4.01 24.21
CA PHE B 115 -3.71 5.47 24.31
C PHE B 115 -4.26 5.82 25.68
N LYS B 116 -3.44 6.47 26.51
CA LYS B 116 -3.88 6.94 27.82
C LYS B 116 -4.35 8.39 27.68
N THR B 117 -5.61 8.64 27.96
CA THR B 117 -6.14 10.00 27.86
C THR B 117 -6.79 10.40 29.16
N LYS B 118 -7.06 11.71 29.26
CA LYS B 118 -7.70 12.25 30.46
C LYS B 118 -9.06 11.64 30.69
N ASP B 119 -9.69 11.10 29.64
CA ASP B 119 -11.02 10.53 29.72
C ASP B 119 -11.00 9.00 29.72
N GLY B 120 -9.83 8.39 29.84
CA GLY B 120 -9.72 6.94 29.91
C GLY B 120 -8.84 6.39 28.81
N ASP B 121 -8.65 5.06 28.87
CA ASP B 121 -7.75 4.36 27.96
C ASP B 121 -8.49 3.85 26.74
N ILE B 122 -7.80 3.87 25.60
CA ILE B 122 -8.28 3.39 24.31
C ILE B 122 -7.23 2.43 23.76
N GLY B 123 -7.69 1.26 23.30
CA GLY B 123 -6.76 0.37 22.61
C GLY B 123 -6.19 1.03 21.37
N ALA B 124 -4.99 0.61 20.98
CA ALA B 124 -4.32 1.19 19.82
C ALA B 124 -3.46 0.13 19.15
N VAL B 125 -3.39 0.15 17.82
CA VAL B 125 -2.61 -0.83 17.08
C VAL B 125 -1.47 -0.16 16.34
N ALA B 126 -0.26 -0.69 16.51
CA ALA B 126 0.95 -0.09 15.95
C ALA B 126 1.23 -0.71 14.59
N LEU B 127 0.28 -0.50 13.69
CA LEU B 127 0.28 -1.05 12.35
C LEU B 127 0.13 0.10 11.36
N ASP B 128 0.94 0.08 10.29
CA ASP B 128 1.05 1.21 9.37
C ASP B 128 0.77 0.72 7.94
N TYR B 129 -0.51 0.82 7.53
CA TYR B 129 -0.97 0.41 6.20
C TYR B 129 -1.36 1.64 5.37
N PRO B 130 -1.44 1.50 4.04
CA PRO B 130 -1.76 2.66 3.18
C PRO B 130 -3.04 3.39 3.59
N ALA B 131 -3.10 4.70 3.30
CA ALA B 131 -4.22 5.52 3.79
C ALA B 131 -5.58 5.00 3.36
N GLY B 132 -5.66 4.40 2.17
CA GLY B 132 -6.90 3.83 1.68
C GLY B 132 -7.41 2.68 2.48
N THR B 133 -6.66 2.25 3.48
CA THR B 133 -7.07 1.20 4.41
CA THR B 133 -7.10 1.20 4.40
C THR B 133 -7.89 1.76 5.58
N SER B 134 -7.98 3.10 5.73
CA SER B 134 -8.71 3.72 6.81
C SER B 134 -10.16 3.28 6.78
N GLY B 135 -10.69 2.90 7.95
CA GLY B 135 -12.01 2.33 8.08
C GLY B 135 -12.03 0.82 8.17
N SER B 136 -10.87 0.18 8.00
CA SER B 136 -10.83 -1.26 8.10
C SER B 136 -11.17 -1.68 9.52
N PRO B 137 -11.92 -2.77 9.72
CA PRO B 137 -12.36 -3.16 11.06
C PRO B 137 -11.26 -3.92 11.80
N ILE B 138 -11.26 -3.72 13.12
CA ILE B 138 -10.44 -4.46 14.06
C ILE B 138 -11.38 -5.39 14.82
N LEU B 139 -10.98 -6.66 14.94
CA LEU B 139 -11.85 -7.73 15.40
C LEU B 139 -11.32 -8.36 16.69
N ASP B 140 -12.23 -8.78 17.55
CA ASP B 140 -11.84 -9.65 18.66
C ASP B 140 -11.92 -11.11 18.22
N LYS B 141 -11.60 -12.02 19.15
CA LYS B 141 -11.51 -13.43 18.80
C LYS B 141 -12.85 -14.04 18.40
N SER B 142 -13.97 -13.48 18.84
CA SER B 142 -15.28 -13.98 18.41
C SER B 142 -15.70 -13.42 17.06
N GLY B 143 -14.86 -12.60 16.43
CA GLY B 143 -15.17 -11.97 15.16
C GLY B 143 -16.00 -10.71 15.24
N ARG B 144 -16.22 -10.16 16.42
CA ARG B 144 -16.98 -8.92 16.56
C ARG B 144 -16.07 -7.72 16.29
N VAL B 145 -16.63 -6.67 15.68
CA VAL B 145 -15.85 -5.48 15.36
C VAL B 145 -15.74 -4.65 16.63
N ILE B 146 -14.50 -4.47 17.13
CA ILE B 146 -14.23 -3.68 18.32
C ILE B 146 -13.83 -2.25 17.99
N GLY B 147 -13.73 -1.91 16.72
CA GLY B 147 -13.45 -0.55 16.31
C GLY B 147 -12.94 -0.52 14.89
N LEU B 148 -12.65 0.69 14.43
CA LEU B 148 -12.13 0.91 13.08
C LEU B 148 -10.73 1.54 13.13
N TYR B 149 -9.94 1.20 12.10
CA TYR B 149 -8.55 1.61 11.93
C TYR B 149 -8.44 2.91 11.14
N GLY B 150 -7.54 3.78 11.57
CA GLY B 150 -7.15 4.93 10.74
C GLY B 150 -7.24 6.33 11.33
N ASN B 151 -7.48 6.47 12.62
CA ASN B 151 -7.27 7.75 13.31
C ASN B 151 -6.26 7.52 14.42
N GLY B 152 -5.16 8.25 14.38
CA GLY B 152 -4.07 7.95 15.28
C GLY B 152 -3.03 9.05 15.43
N VAL B 153 -1.82 8.63 15.78
CA VAL B 153 -0.70 9.53 16.07
C VAL B 153 0.57 8.89 15.54
N VAL B 154 1.61 9.71 15.39
CA VAL B 154 2.96 9.27 15.03
C VAL B 154 3.89 9.38 16.23
N ILE B 155 4.70 8.34 16.44
CA ILE B 155 5.71 8.36 17.52
C ILE B 155 7.16 8.32 17.02
N GLY B 158 8.97 7.38 14.11
CA GLY B 158 8.18 7.75 12.94
C GLY B 158 7.05 6.78 12.59
N SER B 159 6.75 5.87 13.50
CA SER B 159 5.74 4.86 13.22
C SER B 159 4.35 5.39 13.57
N TYR B 160 3.41 5.09 12.71
CA TYR B 160 2.02 5.39 12.97
C TYR B 160 1.43 4.37 13.92
N VAL B 161 0.58 4.86 14.83
CA VAL B 161 -0.21 4.05 15.75
C VAL B 161 -1.66 4.51 15.68
N SER B 162 -2.58 3.58 15.39
CA SER B 162 -4.00 3.86 15.24
C SER B 162 -4.75 3.59 16.52
N ALA B 163 -5.60 4.52 16.93
CA ALA B 163 -6.61 4.19 17.91
C ALA B 163 -7.46 3.05 17.37
N ILE B 164 -7.99 2.24 18.28
CA ILE B 164 -9.13 1.37 17.97
C ILE B 164 -10.36 2.23 18.24
N THR B 165 -10.92 2.82 17.18
CA THR B 165 -12.02 3.77 17.33
C THR B 165 -13.36 3.04 17.26
N GLN B 166 -14.13 3.11 18.34
CA GLN B 166 -15.46 2.52 18.42
C GLN B 166 -16.50 3.59 18.73
N GLY B 167 -17.70 3.42 18.15
CA GLY B 167 -18.81 4.33 18.38
C GLY B 167 -19.66 3.86 19.53
N LYS B 168 -20.87 4.42 19.61
CA LYS B 168 -21.81 4.12 20.67
C LYS B 168 -23.10 3.59 20.06
N ARG B 169 -23.54 2.43 20.53
CA ARG B 169 -24.82 1.88 20.16
C ARG B 169 -25.84 2.09 21.28
N ASP C 7 2.42 -16.95 -22.18
CA ASP C 7 1.91 -16.79 -20.81
C ASP C 7 1.80 -15.35 -20.32
N MET C 8 2.78 -14.49 -20.63
CA MET C 8 2.83 -13.12 -20.13
C MET C 8 2.91 -12.15 -21.30
N TYR C 9 2.36 -10.95 -21.10
CA TYR C 9 2.37 -9.93 -22.15
C TYR C 9 2.48 -8.58 -21.49
N ILE C 10 2.90 -7.59 -22.28
CA ILE C 10 3.09 -6.23 -21.77
C ILE C 10 2.11 -5.29 -22.47
N GLU C 11 1.65 -4.29 -21.72
CA GLU C 11 0.77 -3.28 -22.30
C GLU C 11 1.09 -1.93 -21.70
N ARG C 12 0.99 -0.91 -22.55
CA ARG C 12 1.45 0.43 -22.20
C ARG C 12 0.67 0.99 -21.02
N ALA C 13 1.39 1.65 -20.11
CA ALA C 13 0.79 2.34 -18.97
C ALA C 13 1.11 3.83 -18.87
N GLY C 14 2.07 4.35 -19.62
CA GLY C 14 2.32 5.78 -19.56
C GLY C 14 3.65 6.14 -20.15
N ASP C 15 3.86 7.45 -20.28
CA ASP C 15 5.17 8.02 -20.52
C ASP C 15 5.93 8.09 -19.21
N ILE C 16 7.26 8.18 -19.30
CA ILE C 16 8.07 8.30 -18.10
C ILE C 16 8.50 9.77 -17.95
N THR C 17 7.94 10.46 -16.96
CA THR C 17 8.25 11.87 -16.74
C THR C 17 8.13 12.17 -15.25
N TRP C 18 8.93 13.14 -14.82
CA TRP C 18 8.76 13.74 -13.51
C TRP C 18 7.53 14.64 -13.53
N GLU C 19 6.75 14.61 -12.44
CA GLU C 19 5.56 15.44 -12.34
C GLU C 19 5.82 16.53 -11.31
N LYS C 20 5.74 17.79 -11.74
CA LYS C 20 6.07 18.91 -10.86
C LYS C 20 5.13 19.05 -9.67
N ASP C 21 3.86 18.65 -9.78
CA ASP C 21 2.98 18.86 -8.64
C ASP C 21 2.57 17.54 -8.01
N ALA C 22 3.55 16.70 -7.69
CA ALA C 22 3.34 15.40 -7.07
C ALA C 22 3.25 15.52 -5.56
N GLU C 23 2.41 14.67 -4.96
CA GLU C 23 2.39 14.50 -3.51
C GLU C 23 3.76 14.04 -3.05
N VAL C 24 4.26 14.64 -1.97
CA VAL C 24 5.46 14.19 -1.26
C VAL C 24 5.01 13.41 -0.05
N THR C 25 5.58 12.22 0.14
CA THR C 25 5.19 11.37 1.26
C THR C 25 6.27 10.36 1.55
N GLY C 26 6.11 9.69 2.69
CA GLY C 26 7.05 8.67 3.09
C GLY C 26 8.15 9.22 3.97
N ASN C 27 8.70 8.35 4.80
CA ASN C 27 9.86 8.71 5.61
C ASN C 27 11.13 8.21 4.92
N SER C 28 12.26 8.29 5.63
CA SER C 28 13.59 8.03 5.06
C SER C 28 14.39 7.13 6.00
N PRO C 29 13.98 5.88 6.15
CA PRO C 29 14.59 5.04 7.17
C PRO C 29 16.00 4.60 6.80
N ARG C 30 16.83 4.44 7.81
CA ARG C 30 18.18 3.92 7.68
C ARG C 30 18.13 2.52 8.31
N LEU C 31 18.14 1.49 7.48
CA LEU C 31 17.87 0.11 7.91
C LEU C 31 19.08 -0.78 7.63
N ASP C 32 19.46 -1.59 8.61
CA ASP C 32 20.47 -2.62 8.40
C ASP C 32 19.83 -3.86 7.79
N VAL C 33 20.27 -4.24 6.58
CA VAL C 33 19.68 -5.37 5.87
C VAL C 33 20.75 -6.31 5.35
N ALA C 34 20.32 -7.52 5.00
CA ALA C 34 21.17 -8.49 4.32
C ALA C 34 20.50 -8.94 3.04
N LEU C 35 21.31 -9.17 2.02
CA LEU C 35 20.87 -9.63 0.71
C LEU C 35 21.40 -11.05 0.52
N ASP C 36 20.49 -12.01 0.41
CA ASP C 36 20.95 -13.40 0.27
C ASP C 36 21.17 -13.75 -1.21
N GLU C 37 21.81 -14.89 -1.43
CA GLU C 37 22.16 -15.28 -2.80
C GLU C 37 20.93 -15.44 -3.67
N SER C 38 19.73 -15.53 -3.10
CA SER C 38 18.50 -15.62 -3.89
C SER C 38 17.91 -14.26 -4.26
N GLY C 39 18.58 -13.16 -3.92
CA GLY C 39 18.07 -11.83 -4.21
C GLY C 39 17.04 -11.34 -3.24
N ASP C 40 16.94 -11.96 -2.07
CA ASP C 40 15.99 -11.54 -1.04
C ASP C 40 16.67 -10.71 0.04
N PHE C 41 16.04 -9.58 0.37
CA PHE C 41 16.45 -8.75 1.49
C PHE C 41 15.80 -9.25 2.77
N SER C 42 16.54 -9.14 3.88
CA SER C 42 15.99 -9.37 5.21
C SER C 42 16.54 -8.33 6.17
N LEU C 43 15.80 -8.09 7.26
CA LEU C 43 16.29 -7.22 8.33
C LEU C 43 17.31 -7.96 9.19
N VAL C 44 18.32 -7.23 9.61
CA VAL C 44 19.36 -7.81 10.46
C VAL C 44 18.91 -7.77 11.91
N GLU C 45 19.16 -8.84 12.64
CA GLU C 45 18.91 -8.88 14.09
C GLU C 45 20.19 -8.47 14.83
N VAL D 12 5.56 2.90 -38.99
CA VAL D 12 6.22 3.99 -38.27
C VAL D 12 7.48 4.46 -39.00
N LYS D 13 8.10 5.52 -38.48
CA LYS D 13 9.35 6.00 -39.04
C LYS D 13 10.48 5.09 -38.57
N LYS D 14 11.52 4.97 -39.40
CA LYS D 14 12.66 4.17 -39.02
C LYS D 14 13.33 4.79 -37.78
N GLY D 15 13.47 3.96 -36.73
CA GLY D 15 14.06 4.39 -35.47
C GLY D 15 13.07 4.72 -34.38
N GLU D 16 11.77 4.71 -34.66
CA GLU D 16 10.76 5.15 -33.68
C GLU D 16 10.39 4.02 -32.74
N THR D 17 11.14 3.88 -31.63
CA THR D 17 10.83 2.87 -30.63
C THR D 17 9.71 3.36 -29.70
N THR D 18 9.29 2.48 -28.79
CA THR D 18 8.09 2.67 -28.00
C THR D 18 8.37 2.87 -26.52
N ASP D 19 9.15 3.91 -26.18
CA ASP D 19 9.55 4.20 -24.82
C ASP D 19 8.33 4.38 -23.92
N GLY D 20 8.44 3.95 -22.67
CA GLY D 20 7.38 4.16 -21.71
C GLY D 20 7.43 3.13 -20.61
N VAL D 21 6.43 3.23 -19.73
CA VAL D 21 6.25 2.27 -18.65
C VAL D 21 5.10 1.36 -19.06
N TYR D 22 5.25 0.08 -18.75
CA TYR D 22 4.34 -0.96 -19.20
C TYR D 22 3.94 -1.86 -18.05
N ARG D 23 2.70 -2.34 -18.09
CA ARG D 23 2.25 -3.38 -17.18
C ARG D 23 2.66 -4.75 -17.72
N VAL D 24 3.03 -5.64 -16.80
CA VAL D 24 3.30 -7.04 -17.14
C VAL D 24 2.11 -7.87 -16.66
N MET D 25 1.41 -8.49 -17.60
CA MET D 25 0.14 -9.18 -17.33
C MET D 25 0.23 -10.67 -17.64
N THR D 26 -0.54 -11.48 -16.90
CA THR D 26 -0.78 -12.86 -17.30
C THR D 26 -1.99 -12.89 -18.24
N ARG D 27 -2.10 -13.97 -19.02
CA ARG D 27 -3.19 -13.99 -19.98
C ARG D 27 -4.48 -14.45 -19.30
N ARG D 28 -5.59 -14.36 -20.05
CA ARG D 28 -6.91 -14.62 -19.49
C ARG D 28 -7.00 -15.97 -18.77
N LEU D 29 -6.04 -16.88 -19.01
CA LEU D 29 -6.06 -18.19 -18.38
C LEU D 29 -5.86 -18.10 -16.86
N LEU D 30 -5.10 -17.12 -16.38
CA LEU D 30 -4.67 -17.05 -14.98
C LEU D 30 -5.39 -15.96 -14.20
N GLY D 31 -6.29 -15.23 -14.84
CA GLY D 31 -7.01 -14.14 -14.20
C GLY D 31 -6.80 -12.81 -14.86
N SER D 32 -5.92 -12.73 -15.87
CA SER D 32 -5.44 -11.47 -16.42
C SER D 32 -4.99 -10.55 -15.28
N THR D 33 -4.06 -11.09 -14.49
CA THR D 33 -3.51 -10.41 -13.34
C THR D 33 -2.32 -9.56 -13.77
N GLN D 34 -2.17 -8.41 -13.13
CA GLN D 34 -0.93 -7.66 -13.29
C GLN D 34 0.08 -8.25 -12.32
N VAL D 35 1.17 -8.82 -12.84
CA VAL D 35 2.20 -9.37 -11.95
C VAL D 35 3.40 -8.44 -11.80
N GLY D 36 3.49 -7.40 -12.62
CA GLY D 36 4.54 -6.42 -12.42
C GLY D 36 4.47 -5.34 -13.48
N VAL D 37 5.59 -4.65 -13.64
CA VAL D 37 5.74 -3.43 -14.41
C VAL D 37 7.14 -3.44 -14.98
N GLY D 38 7.34 -2.72 -16.08
CA GLY D 38 8.70 -2.47 -16.52
C GLY D 38 8.83 -1.25 -17.42
N VAL D 39 10.08 -0.99 -17.82
CA VAL D 39 10.48 0.22 -18.52
C VAL D 39 10.97 -0.18 -19.89
N MET D 40 10.36 0.38 -20.94
CA MET D 40 10.87 0.28 -22.29
C MET D 40 11.69 1.54 -22.57
N GLN D 41 12.98 1.36 -22.84
CA GLN D 41 13.85 2.49 -23.13
C GLN D 41 14.90 2.00 -24.11
N GLU D 42 15.05 2.75 -25.20
CA GLU D 42 16.10 2.47 -26.18
C GLU D 42 15.99 1.06 -26.74
N GLY D 43 14.76 0.60 -26.93
CA GLY D 43 14.50 -0.69 -27.53
C GLY D 43 14.64 -1.88 -26.62
N VAL D 44 14.85 -1.67 -25.32
CA VAL D 44 15.07 -2.72 -24.35
C VAL D 44 13.98 -2.64 -23.29
N PHE D 45 13.45 -3.79 -22.90
CA PHE D 45 12.49 -3.85 -21.80
C PHE D 45 13.19 -4.26 -20.51
N HIS D 46 13.00 -3.45 -19.46
CA HIS D 46 13.67 -3.62 -18.18
C HIS D 46 12.66 -3.94 -17.10
N THR D 47 12.85 -5.04 -16.36
CA THR D 47 11.96 -5.33 -15.22
C THR D 47 12.75 -6.07 -14.15
N MET D 48 12.07 -6.48 -13.09
CA MET D 48 12.75 -7.27 -12.07
C MET D 48 12.59 -8.78 -12.33
N TRP D 49 13.64 -9.53 -12.01
CA TRP D 49 13.61 -10.95 -12.35
C TRP D 49 12.43 -11.67 -11.72
N HIS D 50 12.08 -11.32 -10.47
CA HIS D 50 11.02 -12.05 -9.79
C HIS D 50 9.65 -11.84 -10.45
N VAL D 51 9.49 -10.82 -11.30
CA VAL D 51 8.22 -10.62 -12.00
C VAL D 51 8.03 -11.68 -13.09
N THR D 52 9.04 -11.88 -13.96
CA THR D 52 8.90 -12.79 -15.10
C THR D 52 9.64 -14.11 -14.94
N LYS D 53 10.61 -14.18 -14.04
CA LYS D 53 11.48 -15.35 -13.90
C LYS D 53 12.16 -15.68 -15.23
N GLY D 54 12.42 -14.65 -16.04
CA GLY D 54 13.06 -14.82 -17.33
C GLY D 54 12.15 -15.26 -18.47
N ALA D 55 10.87 -15.47 -18.22
CA ALA D 55 9.98 -15.97 -19.25
C ALA D 55 9.87 -15.00 -20.42
N ALA D 56 9.62 -15.56 -21.60
CA ALA D 56 9.38 -14.72 -22.77
C ALA D 56 8.08 -13.93 -22.60
N LEU D 57 8.02 -12.78 -23.26
CA LEU D 57 6.90 -11.86 -23.14
C LEU D 57 6.30 -11.56 -24.52
N ARG D 58 4.98 -11.44 -24.58
CA ARG D 58 4.31 -10.99 -25.80
C ARG D 58 4.14 -9.48 -25.77
N SER D 59 4.40 -8.85 -26.91
CA SER D 59 4.24 -7.41 -27.10
C SER D 59 3.54 -7.23 -28.44
N GLY D 60 2.22 -7.14 -28.40
CA GLY D 60 1.48 -7.23 -29.64
C GLY D 60 1.68 -8.60 -30.25
N GLU D 61 2.02 -8.63 -31.54
CA GLU D 61 2.28 -9.88 -32.24
C GLU D 61 3.73 -10.32 -32.14
N GLY D 62 4.59 -9.55 -31.45
CA GLY D 62 5.98 -9.90 -31.28
C GLY D 62 6.25 -10.63 -29.97
N ARG D 63 7.40 -11.29 -29.92
CA ARG D 63 7.90 -11.94 -28.72
C ARG D 63 9.17 -11.23 -28.27
N LEU D 64 9.28 -11.00 -26.96
CA LEU D 64 10.47 -10.41 -26.35
C LEU D 64 11.19 -11.51 -25.59
N ASP D 65 12.46 -11.71 -25.92
CA ASP D 65 13.28 -12.72 -25.28
C ASP D 65 14.28 -12.08 -24.30
N PRO D 66 14.59 -12.75 -23.21
CA PRO D 66 15.54 -12.19 -22.24
C PRO D 66 16.93 -12.15 -22.85
N TYR D 67 17.65 -11.13 -22.48
CA TYR D 67 18.99 -10.87 -22.97
C TYR D 67 20.04 -10.87 -21.86
N TRP D 68 19.75 -10.28 -20.71
CA TRP D 68 20.64 -10.29 -19.57
C TRP D 68 19.78 -10.45 -18.35
N GLY D 69 20.26 -11.17 -17.34
CA GLY D 69 19.55 -11.19 -16.08
C GLY D 69 20.44 -11.67 -14.96
N ASP D 70 20.02 -11.35 -13.74
CA ASP D 70 20.79 -11.68 -12.55
C ASP D 70 19.82 -11.81 -11.37
N VAL D 71 19.75 -13.03 -10.83
CA VAL D 71 18.81 -13.33 -9.74
C VAL D 71 19.14 -12.52 -8.49
N LYS D 72 20.42 -12.35 -8.18
CA LYS D 72 20.74 -11.66 -6.93
C LYS D 72 20.43 -10.17 -7.01
N GLN D 73 20.74 -9.53 -8.12
CA GLN D 73 20.34 -8.14 -8.34
C GLN D 73 18.83 -8.03 -8.51
N ASP D 74 18.19 -9.12 -8.92
CA ASP D 74 16.74 -9.21 -9.18
C ASP D 74 16.33 -8.35 -10.36
N LEU D 75 17.13 -8.39 -11.43
CA LEU D 75 16.90 -7.60 -12.64
C LEU D 75 17.00 -8.47 -13.89
N VAL D 76 16.28 -8.03 -14.93
CA VAL D 76 16.33 -8.70 -16.24
C VAL D 76 16.04 -7.68 -17.34
N SER D 77 16.74 -7.80 -18.47
CA SER D 77 16.49 -7.01 -19.65
C SER D 77 16.13 -7.95 -20.79
N TYR D 78 15.26 -7.45 -21.67
CA TYR D 78 14.79 -8.13 -22.87
C TYR D 78 15.17 -7.31 -24.09
N CYS D 79 15.57 -8.00 -25.17
CA CYS D 79 15.82 -7.48 -26.51
C CYS D 79 17.19 -6.84 -26.63
N GLY D 80 17.87 -6.56 -25.54
CA GLY D 80 19.16 -5.93 -25.57
C GLY D 80 19.67 -5.72 -24.16
N PRO D 81 20.84 -5.12 -24.04
CA PRO D 81 21.45 -4.96 -22.72
C PRO D 81 20.78 -3.88 -21.90
N TRP D 82 20.94 -4.00 -20.58
CA TRP D 82 20.45 -3.01 -19.64
C TRP D 82 20.91 -1.60 -20.02
N LYS D 83 19.96 -0.67 -20.16
CA LYS D 83 20.23 0.68 -20.65
C LYS D 83 20.25 1.73 -19.55
N LEU D 84 19.74 1.43 -18.36
CA LEU D 84 19.46 2.48 -17.38
C LEU D 84 20.63 2.61 -16.43
N ASP D 85 21.29 3.76 -16.42
CA ASP D 85 22.44 3.89 -15.54
C ASP D 85 22.46 5.15 -14.69
N ALA D 86 21.39 5.94 -14.66
CA ALA D 86 21.34 7.06 -13.73
C ALA D 86 21.34 6.54 -12.29
N ALA D 87 21.95 7.32 -11.40
CA ALA D 87 22.04 6.94 -9.99
C ALA D 87 21.40 8.00 -9.11
N TRP D 88 20.75 7.55 -8.03
CA TRP D 88 20.35 8.49 -6.98
C TRP D 88 21.59 9.23 -6.51
N ASP D 89 21.48 10.55 -6.41
CA ASP D 89 22.61 11.38 -5.98
C ASP D 89 22.82 11.34 -4.46
N GLY D 90 21.99 10.60 -3.72
CA GLY D 90 22.15 10.49 -2.28
C GLY D 90 21.62 11.66 -1.47
N LEU D 91 21.05 12.66 -2.13
CA LEU D 91 20.75 13.94 -1.54
C LEU D 91 19.34 14.45 -1.88
N SER D 92 18.90 14.24 -3.12
CA SER D 92 17.68 14.83 -3.64
C SER D 92 16.48 13.90 -3.50
N GLU D 93 15.31 14.53 -3.46
CA GLU D 93 14.07 13.77 -3.54
C GLU D 93 13.97 13.14 -4.93
N VAL D 94 13.23 12.02 -4.99
CA VAL D 94 13.01 11.22 -6.19
C VAL D 94 11.51 11.04 -6.35
N GLN D 95 11.09 10.46 -7.48
CA GLN D 95 9.69 10.13 -7.67
C GLN D 95 9.53 8.67 -8.08
N LEU D 96 8.66 7.95 -7.37
CA LEU D 96 8.19 6.66 -7.83
C LEU D 96 7.08 6.88 -8.84
N LEU D 97 7.25 6.35 -10.05
CA LEU D 97 6.17 6.35 -11.04
C LEU D 97 5.46 5.02 -10.82
N ALA D 98 4.57 5.00 -9.85
CA ALA D 98 3.90 3.78 -9.44
C ALA D 98 2.85 3.40 -10.46
N VAL D 99 2.86 2.14 -10.89
CA VAL D 99 1.83 1.64 -11.80
C VAL D 99 1.12 0.51 -11.06
N PRO D 100 0.19 0.81 -10.16
CA PRO D 100 -0.46 -0.24 -9.42
C PRO D 100 -1.48 -0.97 -10.27
N PRO D 101 -1.63 -2.27 -10.06
CA PRO D 101 -2.71 -3.00 -10.73
C PRO D 101 -4.04 -2.28 -10.62
N GLY D 102 -4.73 -2.19 -11.76
CA GLY D 102 -6.07 -1.64 -11.80
C GLY D 102 -6.15 -0.15 -11.57
N GLU D 103 -5.04 0.56 -11.56
CA GLU D 103 -5.04 1.98 -11.31
C GLU D 103 -4.11 2.68 -12.30
N ARG D 104 -4.46 3.91 -12.64
CA ARG D 104 -3.64 4.75 -13.51
C ARG D 104 -2.27 5.00 -12.88
N ALA D 105 -1.26 5.10 -13.73
CA ALA D 105 0.08 5.48 -13.27
C ALA D 105 0.05 6.82 -12.55
N LYS D 106 0.80 6.91 -11.46
CA LYS D 106 0.87 8.16 -10.69
C LYS D 106 2.26 8.36 -10.13
N ASN D 107 2.63 9.61 -9.97
CA ASN D 107 3.94 9.97 -9.44
C ASN D 107 3.84 10.30 -7.95
N ILE D 108 4.74 9.70 -7.17
CA ILE D 108 4.83 9.93 -5.73
C ILE D 108 6.25 10.37 -5.42
N GLN D 109 6.39 11.53 -4.78
CA GLN D 109 7.69 12.10 -4.46
C GLN D 109 8.07 11.73 -3.03
N THR D 110 9.37 11.47 -2.82
CA THR D 110 9.82 11.05 -1.50
C THR D 110 11.32 11.32 -1.42
N LEU D 111 11.82 11.43 -0.20
CA LEU D 111 13.27 11.39 0.06
C LEU D 111 13.65 9.98 0.48
N PRO D 112 14.45 9.28 -0.29
CA PRO D 112 14.83 7.91 0.10
C PRO D 112 15.54 7.87 1.44
N GLY D 113 15.35 6.76 2.12
CA GLY D 113 16.24 6.30 3.15
C GLY D 113 17.33 5.45 2.57
N ILE D 114 17.87 4.56 3.39
CA ILE D 114 19.09 3.83 3.06
C ILE D 114 18.96 2.40 3.57
N PHE D 115 19.24 1.42 2.68
CA PHE D 115 19.56 0.06 3.09
C PHE D 115 21.07 -0.02 3.33
N LYS D 116 21.48 -0.30 4.57
CA LYS D 116 22.88 -0.45 4.90
C LYS D 116 23.21 -1.94 4.91
N THR D 117 24.16 -2.34 4.06
CA THR D 117 24.55 -3.75 3.94
C THR D 117 26.05 -3.86 4.12
N LYS D 118 26.50 -5.11 4.32
CA LYS D 118 27.94 -5.35 4.48
C LYS D 118 28.73 -4.87 3.28
N ASP D 119 28.10 -4.75 2.12
CA ASP D 119 28.78 -4.41 0.88
C ASP D 119 28.51 -2.96 0.46
N GLY D 120 27.90 -2.16 1.32
CA GLY D 120 27.70 -0.76 1.02
C GLY D 120 26.23 -0.38 1.10
N ASP D 121 25.99 0.91 0.88
CA ASP D 121 24.68 1.51 1.07
C ASP D 121 23.93 1.61 -0.26
N ILE D 122 22.62 1.40 -0.19
CA ILE D 122 21.69 1.49 -1.32
C ILE D 122 20.55 2.40 -0.90
N GLY D 123 20.14 3.30 -1.79
CA GLY D 123 18.92 4.03 -1.53
C GLY D 123 17.71 3.11 -1.42
N ALA D 124 16.73 3.55 -0.63
CA ALA D 124 15.52 2.77 -0.40
C ALA D 124 14.35 3.73 -0.24
N VAL D 125 13.18 3.36 -0.77
CA VAL D 125 12.00 4.19 -0.68
C VAL D 125 10.93 3.54 0.20
N ALA D 126 10.44 4.31 1.18
CA ALA D 126 9.40 3.87 2.12
C ALA D 126 8.02 4.24 1.56
N LEU D 127 7.65 3.49 0.51
CA LEU D 127 6.40 3.61 -0.22
C LEU D 127 5.85 2.21 -0.39
N ASP D 128 4.58 2.05 -0.05
CA ASP D 128 3.94 0.74 0.09
C ASP D 128 2.84 0.56 -0.95
N TYR D 129 3.16 -0.25 -1.98
CA TYR D 129 2.26 -0.63 -3.06
C TYR D 129 2.21 -2.14 -3.21
N PRO D 130 1.14 -2.68 -3.81
CA PRO D 130 1.01 -4.14 -3.94
C PRO D 130 2.11 -4.74 -4.80
N ALA D 131 2.29 -6.05 -4.62
CA ALA D 131 3.36 -6.79 -5.29
C ALA D 131 3.38 -6.56 -6.81
N GLY D 132 2.22 -6.47 -7.45
CA GLY D 132 2.18 -6.30 -8.90
C GLY D 132 2.66 -4.94 -9.39
N THR D 133 3.05 -4.05 -8.48
CA THR D 133 3.67 -2.77 -8.80
C THR D 133 5.17 -2.93 -9.00
N SER D 134 5.72 -4.11 -8.68
CA SER D 134 7.14 -4.38 -8.84
C SER D 134 7.60 -4.12 -10.26
N GLY D 135 8.75 -3.43 -10.40
CA GLY D 135 9.27 -2.99 -11.67
C GLY D 135 8.91 -1.58 -12.06
N SER D 136 8.10 -0.89 -11.25
CA SER D 136 7.82 0.51 -11.51
C SER D 136 9.09 1.33 -11.38
N PRO D 137 9.31 2.31 -12.25
CA PRO D 137 10.56 3.09 -12.20
C PRO D 137 10.55 4.19 -11.15
N ILE D 138 11.75 4.43 -10.60
CA ILE D 138 12.05 5.52 -9.69
C ILE D 138 12.88 6.51 -10.48
N LEU D 139 12.54 7.80 -10.37
CA LEU D 139 13.06 8.85 -11.25
C LEU D 139 13.80 9.93 -10.49
N ASP D 140 14.82 10.50 -11.12
CA ASP D 140 15.39 11.75 -10.62
C ASP D 140 14.69 12.96 -11.26
N LYS D 141 15.10 14.17 -10.83
CA LYS D 141 14.39 15.37 -11.26
C LYS D 141 14.44 15.60 -12.76
N SER D 142 15.45 15.08 -13.45
CA SER D 142 15.52 15.22 -14.90
C SER D 142 14.72 14.14 -15.63
N GLY D 143 13.98 13.31 -14.90
CA GLY D 143 13.17 12.29 -15.54
C GLY D 143 13.88 11.00 -15.87
N ARG D 144 15.12 10.83 -15.42
CA ARG D 144 15.87 9.61 -15.71
C ARG D 144 15.53 8.53 -14.69
N VAL D 145 15.54 7.29 -15.15
CA VAL D 145 15.22 6.15 -14.29
C VAL D 145 16.47 5.79 -13.48
N ILE D 146 16.39 5.98 -12.16
CA ILE D 146 17.51 5.71 -11.25
C ILE D 146 17.40 4.32 -10.65
N GLY D 147 16.34 3.57 -10.94
CA GLY D 147 16.22 2.20 -10.48
C GLY D 147 14.78 1.77 -10.57
N LEU D 148 14.55 0.50 -10.22
CA LEU D 148 13.21 -0.08 -10.18
C LEU D 148 12.79 -0.44 -8.76
N TYR D 149 11.50 -0.24 -8.50
CA TYR D 149 10.81 -0.48 -7.24
C TYR D 149 10.33 -1.91 -7.16
N GLY D 150 10.52 -2.55 -6.00
CA GLY D 150 9.84 -3.80 -5.77
C GLY D 150 10.63 -4.96 -5.21
N ASN D 151 11.91 -4.76 -4.88
CA ASN D 151 12.67 -5.72 -4.09
C ASN D 151 13.04 -5.05 -2.77
N GLY D 152 12.50 -5.55 -1.68
CA GLY D 152 12.57 -4.85 -0.41
C GLY D 152 12.28 -5.73 0.80
N VAL D 153 11.80 -5.09 1.86
CA VAL D 153 11.56 -5.74 3.14
C VAL D 153 10.25 -5.21 3.73
N VAL D 154 9.56 -6.07 4.47
CA VAL D 154 8.44 -5.67 5.31
C VAL D 154 8.99 -5.41 6.71
N ILE D 155 8.63 -4.27 7.28
CA ILE D 155 9.14 -3.91 8.59
C ILE D 155 8.10 -4.20 9.67
N LYS D 156 8.42 -3.86 10.92
CA LYS D 156 7.73 -4.42 12.06
C LYS D 156 6.28 -3.96 12.12
N ASN D 157 6.00 -2.76 11.64
CA ASN D 157 4.65 -2.20 11.71
C ASN D 157 3.80 -2.60 10.52
N GLY D 158 4.31 -3.49 9.67
CA GLY D 158 3.58 -4.05 8.56
C GLY D 158 3.79 -3.36 7.25
N SER D 159 4.46 -2.20 7.24
CA SER D 159 4.70 -1.47 6.01
C SER D 159 5.89 -2.04 5.24
N TYR D 160 6.08 -1.51 4.03
CA TYR D 160 7.04 -2.05 3.07
C TYR D 160 8.03 -0.97 2.67
N VAL D 161 9.30 -1.37 2.57
CA VAL D 161 10.37 -0.47 2.12
C VAL D 161 11.11 -1.16 0.99
N SER D 162 11.23 -0.47 -0.14
CA SER D 162 11.90 -1.02 -1.32
C SER D 162 13.30 -0.46 -1.54
N ALA D 163 14.23 -1.33 -1.91
CA ALA D 163 15.49 -0.83 -2.46
C ALA D 163 15.23 -0.04 -3.74
N ILE D 164 16.12 0.89 -4.05
CA ILE D 164 16.21 1.47 -5.39
C ILE D 164 17.19 0.57 -6.16
N THR D 165 16.66 -0.37 -6.95
CA THR D 165 17.49 -1.39 -7.58
C THR D 165 17.86 -0.93 -8.98
N GLN D 166 19.16 -0.74 -9.24
CA GLN D 166 19.65 -0.27 -10.53
C GLN D 166 20.67 -1.27 -11.09
N GLY D 167 20.65 -1.42 -12.42
CA GLY D 167 21.60 -2.26 -13.13
C GLY D 167 22.79 -1.48 -13.61
N LYS D 168 23.59 -2.15 -14.43
CA LYS D 168 24.80 -1.58 -15.00
C LYS D 168 24.62 -1.48 -16.51
N ARG D 169 25.00 -0.34 -17.06
CA ARG D 169 25.06 -0.17 -18.50
C ARG D 169 26.50 -0.47 -18.94
N GLU D 170 26.66 -1.52 -19.73
CA GLU D 170 27.99 -2.01 -20.08
C GLU D 170 28.68 -1.09 -21.09
C6 A1CDY E . 5.26 -6.62 -0.71
C7 A1CDY E . 4.86 -7.26 0.59
C1 A1CDY E . 6.32 -4.50 -4.83
C3 A1CDY E . 5.66 -5.23 -2.60
N2 A1CDY E . 5.67 -4.30 -3.55
N4 A1CDY E . 6.27 -6.38 -2.70
N5 A1CDY E . 6.03 -7.18 -1.58
S8 A1CDY E . 4.75 -5.03 -1.16
H7B A1CDY E . 3.96 -6.98 0.85
H7A A1CDY E . 5.48 -7.04 1.30
H7C A1CDY E . 4.84 -8.24 0.49
H1B A1CDY E . 6.58 -3.63 -5.21
H1C A1CDY E . 5.71 -4.95 -5.44
H1A A1CDY E . 7.12 -5.05 -4.71
H2 A1CDY E . 5.27 -3.54 -3.39
#